data_4O47
#
_entry.id   4O47
#
_cell.length_a   114.872
_cell.length_b   114.872
_cell.length_c   138.971
_cell.angle_alpha   90.00
_cell.angle_beta   90.00
_cell.angle_gamma   120.00
#
_symmetry.space_group_name_H-M   'P 32 2 1'
#
loop_
_entity.id
_entity.type
_entity.pdbx_description
1 polymer 'Uncharacterized protein'
2 non-polymer 'SODIUM ION'
3 water water
#
_entity_poly.entity_id   1
_entity_poly.type   'polypeptide(L)'
_entity_poly.pdbx_seq_one_letter_code
;MGSSHHHHHHSSGGNENLYFQGHMEPVLVVHGGGASCISCERRQRVRQGVIRAASLGHGVLRAGGSAVDAVEAAVAALED
DAEFNAGHGSVLTENGDVEMDASIMDGRDLGAGAVSAVRCIANPIKLARLVMDKTPHCFLTGQGAAKFAADMGISEIPGE
QLVTERNRKRLEKERQEKDASSPDCPKNLGTVGAVALDCKGNVAYATSTGGIVNKMTGRVGDSPCIGSGGYADNSIGAVS
TTGHGESILKVNLARLALFHLEQGGKTVDEAADLALGYMKSRLKGLGGLILVSRTGEWVAKWTSTSMPWAAVKGGKVHAG
IDLNDTTVTDLC
;
_entity_poly.pdbx_strand_id   A,B
#
loop_
_chem_comp.id
_chem_comp.type
_chem_comp.name
_chem_comp.formula
NA non-polymer 'SODIUM ION' 'Na 1'
#
# COMPACT_ATOMS: atom_id res chain seq x y z
N HIS A 23 0.05 -10.61 -31.95
CA HIS A 23 -1.13 -9.80 -31.54
C HIS A 23 -2.09 -10.60 -30.67
N MET A 24 -2.51 -9.99 -29.56
CA MET A 24 -3.40 -10.62 -28.60
C MET A 24 -4.78 -10.08 -28.84
N GLU A 25 -5.80 -10.91 -28.63
CA GLU A 25 -7.19 -10.43 -28.59
C GLU A 25 -7.47 -9.63 -27.30
N PRO A 26 -7.96 -8.36 -27.43
CA PRO A 26 -7.99 -7.57 -26.21
C PRO A 26 -9.14 -7.90 -25.25
N VAL A 27 -8.93 -7.62 -23.96
CA VAL A 27 -9.93 -7.92 -22.91
C VAL A 27 -10.05 -6.73 -22.00
N LEU A 28 -11.27 -6.34 -21.68
CA LEU A 28 -11.49 -5.31 -20.70
C LEU A 28 -12.54 -5.88 -19.71
N VAL A 29 -12.24 -5.83 -18.42
CA VAL A 29 -13.17 -6.17 -17.35
C VAL A 29 -13.36 -4.97 -16.40
N VAL A 30 -14.58 -4.77 -15.91
CA VAL A 30 -14.82 -3.75 -14.89
C VAL A 30 -15.62 -4.31 -13.68
N HIS A 31 -15.47 -3.63 -12.53
CA HIS A 31 -16.33 -3.94 -11.41
C HIS A 31 -16.81 -2.66 -10.79
N GLY A 32 -17.98 -2.75 -10.15
CA GLY A 32 -18.49 -1.73 -9.25
C GLY A 32 -18.31 -2.20 -7.81
N GLY A 33 -19.15 -1.73 -6.91
CA GLY A 33 -18.93 -2.01 -5.50
C GLY A 33 -19.52 -3.32 -5.02
N GLY A 34 -20.52 -3.23 -4.15
CA GLY A 34 -21.00 -4.35 -3.36
C GLY A 34 -22.50 -4.26 -3.19
N ILE A 38 -30.65 -2.22 -3.39
CA ILE A 38 -30.79 -2.41 -4.82
C ILE A 38 -32.28 -2.28 -5.22
N SER A 39 -32.72 -1.02 -5.34
CA SER A 39 -34.11 -0.66 -5.69
C SER A 39 -34.46 -1.05 -7.13
N CYS A 40 -34.43 -2.34 -7.45
CA CYS A 40 -34.58 -2.90 -8.82
C CYS A 40 -34.44 -1.99 -10.08
N GLU A 41 -35.02 -0.79 -10.06
CA GLU A 41 -34.68 0.23 -11.08
C GLU A 41 -33.21 0.65 -10.91
N ARG A 42 -32.69 0.50 -9.69
CA ARG A 42 -31.25 0.63 -9.40
C ARG A 42 -30.43 -0.50 -10.03
N ARG A 43 -30.83 -1.75 -9.82
CA ARG A 43 -30.11 -2.90 -10.39
C ARG A 43 -29.83 -2.67 -11.86
N GLN A 44 -30.87 -2.24 -12.58
CA GLN A 44 -30.79 -2.08 -14.02
C GLN A 44 -29.86 -0.92 -14.42
N ARG A 45 -29.93 0.21 -13.73
CA ARG A 45 -28.99 1.29 -14.04
C ARG A 45 -27.53 0.93 -13.71
N VAL A 46 -27.35 0.12 -12.66
CA VAL A 46 -26.03 -0.25 -12.19
C VAL A 46 -25.43 -1.18 -13.26
N ARG A 47 -26.24 -2.11 -13.71
CA ARG A 47 -25.88 -3.03 -14.77
C ARG A 47 -25.52 -2.30 -16.06
N GLN A 48 -26.37 -1.36 -16.45
CA GLN A 48 -26.11 -0.51 -17.61
C GLN A 48 -24.82 0.28 -17.49
N GLY A 49 -24.54 0.75 -16.28
CA GLY A 49 -23.33 1.51 -16.03
C GLY A 49 -22.05 0.70 -16.19
N VAL A 50 -22.03 -0.52 -15.69
CA VAL A 50 -20.85 -1.38 -15.87
C VAL A 50 -20.66 -1.80 -17.31
N ILE A 51 -21.74 -2.14 -18.02
CA ILE A 51 -21.67 -2.41 -19.46
C ILE A 51 -21.18 -1.18 -20.23
N ARG A 52 -21.68 0.00 -19.92
CA ARG A 52 -21.20 1.18 -20.62
C ARG A 52 -19.68 1.42 -20.41
N ALA A 53 -19.23 1.35 -19.15
CA ALA A 53 -17.83 1.62 -18.86
C ALA A 53 -16.94 0.53 -19.52
N ALA A 54 -17.35 -0.72 -19.43
CA ALA A 54 -16.53 -1.77 -20.10
C ALA A 54 -16.45 -1.66 -21.63
N SER A 55 -17.55 -1.33 -22.27
CA SER A 55 -17.62 -1.20 -23.72
C SER A 55 -16.76 -0.01 -24.15
N LEU A 56 -16.90 1.09 -23.39
CA LEU A 56 -16.01 2.25 -23.57
C LEU A 56 -14.53 1.91 -23.48
N GLY A 57 -14.10 1.22 -22.42
CA GLY A 57 -12.69 0.80 -22.33
C GLY A 57 -12.27 -0.16 -23.44
N HIS A 58 -13.11 -1.13 -23.74
CA HIS A 58 -12.84 -2.01 -24.86
C HIS A 58 -12.71 -1.26 -26.20
N GLY A 59 -13.54 -0.25 -26.43
CA GLY A 59 -13.38 0.62 -27.63
C GLY A 59 -12.00 1.22 -27.78
N VAL A 60 -11.38 1.60 -26.66
CA VAL A 60 -10.06 2.17 -26.65
C VAL A 60 -9.09 1.10 -27.14
N LEU A 61 -9.24 -0.13 -26.63
CA LEU A 61 -8.31 -1.22 -26.97
C LEU A 61 -8.49 -1.56 -28.48
N ARG A 62 -9.73 -1.57 -28.96
CA ARG A 62 -10.00 -1.92 -30.37
C ARG A 62 -9.36 -0.88 -31.30
N ALA A 63 -9.25 0.37 -30.86
CA ALA A 63 -8.61 1.42 -31.67
C ALA A 63 -7.09 1.41 -31.57
N GLY A 64 -6.53 0.45 -30.86
CA GLY A 64 -5.07 0.37 -30.73
C GLY A 64 -4.54 1.11 -29.50
N GLY A 65 -5.42 1.55 -28.60
CA GLY A 65 -4.92 2.18 -27.38
C GLY A 65 -4.35 1.19 -26.38
N SER A 66 -3.54 1.71 -25.48
CA SER A 66 -2.88 0.96 -24.43
C SER A 66 -3.84 0.39 -23.38
N ALA A 67 -3.41 -0.66 -22.69
CA ALA A 67 -4.11 -1.17 -21.52
C ALA A 67 -4.34 -0.05 -20.49
N VAL A 68 -3.29 0.74 -20.22
CA VAL A 68 -3.40 1.92 -19.35
C VAL A 68 -4.46 2.92 -19.82
N ASP A 69 -4.42 3.30 -21.10
CA ASP A 69 -5.41 4.20 -21.65
C ASP A 69 -6.81 3.62 -21.37
N ALA A 70 -6.98 2.32 -21.53
CA ALA A 70 -8.33 1.75 -21.48
C ALA A 70 -8.90 1.68 -20.03
N VAL A 71 -8.07 1.27 -19.08
CA VAL A 71 -8.46 1.26 -17.63
C VAL A 71 -8.76 2.65 -17.12
N GLU A 72 -7.94 3.62 -17.50
CA GLU A 72 -8.22 5.04 -17.17
C GLU A 72 -9.61 5.43 -17.69
N ALA A 73 -9.91 5.12 -18.93
CA ALA A 73 -11.18 5.47 -19.55
C ALA A 73 -12.32 4.80 -18.86
N ALA A 74 -12.20 3.49 -18.64
CA ALA A 74 -13.31 2.79 -17.99
C ALA A 74 -13.55 3.30 -16.55
N VAL A 75 -12.50 3.53 -15.78
CA VAL A 75 -12.71 3.93 -14.40
C VAL A 75 -13.21 5.38 -14.32
N ALA A 76 -12.77 6.22 -15.25
CA ALA A 76 -13.25 7.64 -15.25
C ALA A 76 -14.73 7.68 -15.58
N ALA A 77 -15.20 6.81 -16.47
CA ALA A 77 -16.65 6.71 -16.70
C ALA A 77 -17.43 6.27 -15.46
N LEU A 78 -16.89 5.33 -14.68
CA LEU A 78 -17.58 4.90 -13.46
C LEU A 78 -17.53 5.96 -12.38
N GLU A 79 -16.46 6.80 -12.36
CA GLU A 79 -16.40 7.96 -11.49
C GLU A 79 -17.52 8.94 -11.89
N ASP A 80 -17.69 9.21 -13.18
CA ASP A 80 -18.67 10.21 -13.63
C ASP A 80 -20.07 9.68 -13.40
N ASP A 81 -20.23 8.36 -13.34
CA ASP A 81 -21.58 7.77 -13.08
C ASP A 81 -21.93 7.84 -11.58
N ALA A 82 -22.90 8.70 -11.26
CA ALA A 82 -23.34 8.91 -9.90
C ALA A 82 -23.91 7.66 -9.18
N GLU A 83 -24.17 6.57 -9.88
CA GLU A 83 -24.59 5.33 -9.19
C GLU A 83 -23.44 4.55 -8.50
N PHE A 84 -22.20 4.94 -8.74
CA PHE A 84 -21.01 4.24 -8.21
C PHE A 84 -20.16 5.11 -7.27
N ASN A 85 -19.59 4.45 -6.26
CA ASN A 85 -18.89 5.04 -5.18
C ASN A 85 -17.44 5.36 -5.57
N ALA A 86 -17.31 6.40 -6.37
CA ALA A 86 -16.04 6.94 -6.86
C ALA A 86 -16.39 8.21 -7.59
N GLY A 87 -15.50 9.22 -7.57
CA GLY A 87 -15.88 10.48 -8.20
C GLY A 87 -17.26 10.96 -7.75
N HIS A 88 -18.09 11.40 -8.72
CA HIS A 88 -19.47 11.81 -8.46
C HIS A 88 -20.22 10.62 -7.94
N GLY A 89 -20.83 10.75 -6.77
CA GLY A 89 -21.55 9.63 -6.15
C GLY A 89 -20.76 8.97 -5.04
N SER A 90 -19.63 9.57 -4.65
CA SER A 90 -18.77 8.97 -3.65
C SER A 90 -19.49 9.00 -2.29
N VAL A 91 -19.28 7.99 -1.44
CA VAL A 91 -19.82 8.04 -0.06
C VAL A 91 -19.18 9.20 0.71
N LEU A 92 -19.82 9.60 1.82
CA LEU A 92 -19.38 10.76 2.59
C LEU A 92 -18.55 10.44 3.82
N THR A 93 -17.59 11.32 4.17
CA THR A 93 -16.82 11.16 5.41
C THR A 93 -17.69 11.49 6.65
N GLU A 94 -17.15 11.22 7.83
CA GLU A 94 -17.73 11.72 9.10
C GLU A 94 -18.15 13.20 9.07
N ASN A 95 -17.44 14.06 8.32
CA ASN A 95 -17.78 15.48 8.21
C ASN A 95 -18.78 15.81 7.14
N GLY A 96 -19.39 14.78 6.52
CA GLY A 96 -20.26 15.00 5.36
C GLY A 96 -19.51 15.43 4.11
N ASP A 97 -18.24 15.05 4.02
CA ASP A 97 -17.37 15.49 2.94
C ASP A 97 -17.03 14.30 2.03
N VAL A 98 -16.62 14.57 0.79
CA VAL A 98 -16.11 13.51 -0.12
C VAL A 98 -14.56 13.56 -0.15
N GLU A 99 -13.93 12.42 0.15
CA GLU A 99 -12.47 12.26 0.10
C GLU A 99 -12.25 10.97 -0.75
N MET A 100 -11.47 11.07 -1.79
CA MET A 100 -11.32 9.99 -2.77
C MET A 100 -9.90 9.47 -2.88
N ASP A 101 -9.79 8.17 -3.20
CA ASP A 101 -8.53 7.47 -3.39
C ASP A 101 -8.56 6.82 -4.79
N ALA A 102 -7.44 6.81 -5.50
CA ALA A 102 -7.34 6.05 -6.76
C ALA A 102 -5.90 5.63 -7.05
N SER A 103 -5.78 4.59 -7.88
CA SER A 103 -4.50 4.09 -8.31
C SER A 103 -4.60 3.41 -9.69
N ILE A 104 -3.48 3.46 -10.40
CA ILE A 104 -3.34 2.91 -11.73
C ILE A 104 -1.90 2.29 -11.85
N MET A 105 -1.79 1.20 -12.62
CA MET A 105 -0.50 0.56 -12.80
C MET A 105 -0.36 0.02 -14.23
N ASP A 106 0.84 0.18 -14.77
CA ASP A 106 1.23 -0.32 -16.09
C ASP A 106 2.02 -1.63 -15.92
N GLY A 107 1.46 -2.77 -16.31
CA GLY A 107 2.20 -4.02 -16.17
C GLY A 107 3.49 -4.21 -16.99
N ARG A 108 3.78 -3.30 -17.92
CA ARG A 108 5.01 -3.44 -18.77
C ARG A 108 6.29 -3.11 -17.99
N ASP A 109 6.33 -1.93 -17.36
CA ASP A 109 7.48 -1.48 -16.55
C ASP A 109 7.17 -1.29 -15.03
N LEU A 110 6.00 -1.78 -14.59
CA LEU A 110 5.50 -1.61 -13.22
C LEU A 110 5.29 -0.12 -12.86
N GLY A 111 5.15 0.73 -13.87
CA GLY A 111 4.76 2.12 -13.71
C GLY A 111 3.49 2.15 -12.86
N ALA A 112 3.40 3.12 -11.95
CA ALA A 112 2.29 3.26 -11.02
C ALA A 112 2.07 4.73 -10.60
N GLY A 113 0.79 5.06 -10.41
CA GLY A 113 0.46 6.36 -9.86
C GLY A 113 -0.76 6.19 -8.98
N ALA A 114 -0.86 7.03 -7.95
CA ALA A 114 -1.89 6.90 -6.93
C ALA A 114 -2.10 8.22 -6.23
N VAL A 115 -3.30 8.42 -5.78
CA VAL A 115 -3.64 9.61 -4.99
C VAL A 115 -4.56 9.21 -3.83
N SER A 116 -4.38 9.81 -2.66
CA SER A 116 -5.28 9.56 -1.51
C SER A 116 -5.75 10.89 -0.91
N ALA A 117 -6.92 10.83 -0.29
CA ALA A 117 -7.59 11.94 0.43
C ALA A 117 -7.74 13.17 -0.48
N VAL A 118 -8.09 12.91 -1.72
CA VAL A 118 -8.29 13.93 -2.73
C VAL A 118 -9.69 14.51 -2.55
N ARG A 119 -9.79 15.81 -2.53
CA ARG A 119 -11.08 16.51 -2.37
C ARG A 119 -11.36 17.38 -3.59
N CYS A 120 -12.63 17.58 -3.93
CA CYS A 120 -13.06 18.58 -4.95
C CYS A 120 -12.44 18.39 -6.35
N ILE A 121 -12.17 17.13 -6.72
CA ILE A 121 -11.63 16.76 -8.04
C ILE A 121 -12.60 15.75 -8.68
N ALA A 122 -13.02 16.03 -9.93
CA ALA A 122 -13.99 15.23 -10.62
C ALA A 122 -13.45 13.82 -10.86
N ASN A 123 -12.22 13.70 -11.32
CA ASN A 123 -11.69 12.41 -11.76
C ASN A 123 -10.35 12.08 -11.14
N PRO A 124 -10.37 11.59 -9.90
CA PRO A 124 -9.17 11.12 -9.22
C PRO A 124 -8.31 10.13 -10.05
N ILE A 125 -8.91 9.22 -10.79
CA ILE A 125 -8.06 8.23 -11.56
C ILE A 125 -7.21 8.94 -12.63
N LYS A 126 -7.74 10.02 -13.21
CA LYS A 126 -6.95 10.80 -14.18
C LYS A 126 -5.79 11.55 -13.55
N LEU A 127 -5.97 12.01 -12.32
CA LEU A 127 -4.85 12.54 -11.57
C LEU A 127 -3.83 11.46 -11.20
N ALA A 128 -4.29 10.29 -10.78
CA ALA A 128 -3.34 9.23 -10.51
C ALA A 128 -2.45 8.90 -11.74
N ARG A 129 -3.06 8.82 -12.91
CA ARG A 129 -2.27 8.55 -14.10
C ARG A 129 -1.25 9.65 -14.37
N LEU A 130 -1.61 10.90 -14.11
CA LEU A 130 -0.62 11.99 -14.22
C LEU A 130 0.54 11.91 -13.20
N VAL A 131 0.29 11.38 -12.01
CA VAL A 131 1.37 11.16 -11.07
C VAL A 131 2.33 10.15 -11.69
N MET A 132 1.77 9.10 -12.24
CA MET A 132 2.59 8.07 -12.87
C MET A 132 3.44 8.64 -14.01
N ASP A 133 2.81 9.38 -14.92
CA ASP A 133 3.45 9.81 -16.17
C ASP A 133 4.36 11.04 -16.04
N LYS A 134 4.03 11.97 -15.16
CA LYS A 134 4.65 13.31 -15.12
C LYS A 134 5.50 13.62 -13.89
N THR A 135 5.63 12.67 -12.97
CA THR A 135 6.46 12.89 -11.82
C THR A 135 7.39 11.72 -11.61
N PRO A 136 8.40 11.88 -10.76
CA PRO A 136 9.21 10.69 -10.45
C PRO A 136 8.65 9.90 -9.25
N HIS A 137 7.41 10.18 -8.85
CA HIS A 137 6.84 9.58 -7.65
C HIS A 137 5.67 8.66 -8.07
N CYS A 138 5.18 7.85 -7.15
CA CYS A 138 4.10 6.92 -7.38
C CYS A 138 2.82 7.21 -6.60
N PHE A 139 2.87 8.12 -5.63
CA PHE A 139 1.80 8.29 -4.64
C PHE A 139 1.88 9.69 -4.04
N LEU A 140 0.81 10.47 -4.22
CA LEU A 140 0.67 11.82 -3.65
C LEU A 140 -0.60 11.88 -2.81
N THR A 141 -0.56 12.68 -1.75
CA THR A 141 -1.70 12.78 -0.84
C THR A 141 -2.09 14.20 -0.51
N GLY A 142 -3.38 14.35 -0.28
CA GLY A 142 -3.91 15.56 0.30
C GLY A 142 -3.65 16.84 -0.44
N GLN A 143 -3.12 17.81 0.29
CA GLN A 143 -2.87 19.13 -0.25
C GLN A 143 -1.79 19.07 -1.33
N GLY A 144 -0.83 18.16 -1.14
CA GLY A 144 0.20 17.90 -2.16
C GLY A 144 -0.37 17.46 -3.50
N ALA A 145 -1.30 16.53 -3.44
CA ALA A 145 -2.02 16.08 -4.64
C ALA A 145 -2.88 17.22 -5.25
N ALA A 146 -3.49 18.08 -4.41
CA ALA A 146 -4.23 19.24 -4.91
C ALA A 146 -3.30 20.23 -5.65
N LYS A 147 -2.17 20.55 -5.03
CA LYS A 147 -1.18 21.41 -5.66
C LYS A 147 -0.77 20.86 -7.03
N PHE A 148 -0.38 19.60 -7.08
CA PHE A 148 -0.04 18.94 -8.36
C PHE A 148 -1.19 19.00 -9.38
N ALA A 149 -2.42 18.84 -8.91
CA ALA A 149 -3.57 18.94 -9.81
C ALA A 149 -3.60 20.35 -10.43
N ALA A 150 -3.41 21.37 -9.61
CA ALA A 150 -3.32 22.73 -10.09
C ALA A 150 -2.18 22.89 -11.10
N ASP A 151 -1.02 22.30 -10.82
CA ASP A 151 0.11 22.40 -11.74
C ASP A 151 -0.21 21.70 -13.10
N MET A 152 -1.15 20.74 -13.08
CA MET A 152 -1.55 20.05 -14.31
C MET A 152 -2.68 20.74 -15.04
N GLY A 153 -3.22 21.80 -14.47
CA GLY A 153 -4.25 22.54 -15.14
C GLY A 153 -5.61 22.00 -14.84
N ILE A 154 -5.68 21.13 -13.83
CA ILE A 154 -6.96 20.57 -13.44
C ILE A 154 -7.65 21.51 -12.49
N SER A 155 -8.92 21.75 -12.69
CA SER A 155 -9.65 22.64 -11.82
C SER A 155 -10.33 21.89 -10.66
N GLU A 156 -10.41 22.56 -9.51
CA GLU A 156 -11.23 22.09 -8.42
C GLU A 156 -12.68 22.41 -8.76
N ILE A 157 -13.58 21.56 -8.27
CA ILE A 157 -14.99 21.75 -8.44
C ILE A 157 -15.62 21.91 -7.05
N PRO A 158 -16.82 22.53 -6.98
CA PRO A 158 -17.48 22.62 -5.67
C PRO A 158 -17.78 21.24 -5.07
N GLY A 159 -17.38 21.04 -3.82
CA GLY A 159 -17.55 19.75 -3.13
C GLY A 159 -18.95 19.18 -3.15
N GLU A 160 -19.96 20.03 -3.02
CA GLU A 160 -21.37 19.56 -2.99
C GLU A 160 -21.80 18.92 -4.32
N GLN A 161 -21.15 19.28 -5.42
CA GLN A 161 -21.45 18.60 -6.71
C GLN A 161 -21.11 17.11 -6.76
N LEU A 162 -20.20 16.65 -5.89
CA LEU A 162 -19.91 15.22 -5.76
C LEU A 162 -20.93 14.47 -4.92
N VAL A 163 -21.75 15.21 -4.15
CA VAL A 163 -22.59 14.61 -3.12
C VAL A 163 -23.97 14.35 -3.69
N THR A 164 -24.51 13.16 -3.44
CA THR A 164 -25.87 12.83 -3.82
C THR A 164 -26.75 12.69 -2.57
N GLU A 165 -28.05 12.78 -2.77
CA GLU A 165 -29.02 12.74 -1.66
C GLU A 165 -29.08 11.34 -1.09
N ARG A 166 -28.92 10.33 -1.95
CA ARG A 166 -28.81 8.97 -1.42
C ARG A 166 -27.62 8.88 -0.46
N ASN A 167 -26.53 9.59 -0.74
CA ASN A 167 -25.36 9.44 0.16
C ASN A 167 -25.51 10.23 1.47
N ARG A 168 -26.17 11.38 1.41
CA ARG A 168 -26.56 12.10 2.62
C ARG A 168 -27.36 11.16 3.53
N LYS A 169 -28.41 10.58 2.99
CA LYS A 169 -29.22 9.64 3.74
C LYS A 169 -28.42 8.48 4.35
N ARG A 170 -27.60 7.80 3.54
CA ARG A 170 -26.75 6.73 4.06
C ARG A 170 -25.93 7.25 5.23
N LEU A 171 -25.39 8.48 5.12
CA LEU A 171 -24.58 9.01 6.23
C LEU A 171 -25.43 9.05 7.53
N GLU A 172 -26.65 9.56 7.45
CA GLU A 172 -27.50 9.73 8.66
C GLU A 172 -27.86 8.37 9.23
N LYS A 173 -28.23 7.43 8.36
CA LYS A 173 -28.46 6.04 8.77
C LYS A 173 -27.27 5.48 9.54
N GLU A 174 -26.05 5.64 9.02
CA GLU A 174 -24.86 5.07 9.69
C GLU A 174 -24.64 5.66 11.09
N ARG A 175 -25.05 6.91 11.31
CA ARG A 175 -25.01 7.52 12.65
C ARG A 175 -26.27 7.23 13.52
N GLN A 176 -26.94 6.09 13.31
CA GLN A 176 -28.17 5.75 14.04
C GLN A 176 -29.15 6.92 14.14
N LEU A 189 -20.57 -0.59 -0.18
CA LEU A 189 -20.59 0.16 -1.45
C LEU A 189 -19.33 -0.04 -2.30
N GLY A 190 -18.18 -0.19 -1.69
CA GLY A 190 -16.99 -0.68 -2.38
C GLY A 190 -16.34 0.33 -3.31
N THR A 191 -15.59 -0.16 -4.27
CA THR A 191 -14.80 0.69 -5.15
C THR A 191 -15.32 0.54 -6.57
N VAL A 192 -14.68 1.17 -7.53
CA VAL A 192 -14.82 0.82 -8.93
C VAL A 192 -13.42 0.42 -9.45
N GLY A 193 -13.38 -0.34 -10.51
CA GLY A 193 -12.10 -0.79 -11.00
C GLY A 193 -12.18 -1.33 -12.39
N ALA A 194 -11.01 -1.46 -13.02
CA ALA A 194 -10.93 -2.06 -14.34
C ALA A 194 -9.55 -2.71 -14.52
N VAL A 195 -9.57 -3.80 -15.27
CA VAL A 195 -8.39 -4.48 -15.78
C VAL A 195 -8.48 -4.64 -17.30
N ALA A 196 -7.31 -4.62 -17.96
CA ALA A 196 -7.28 -4.77 -19.39
C ALA A 196 -6.03 -5.53 -19.88
N LEU A 197 -6.20 -6.15 -21.02
CA LEU A 197 -5.11 -6.74 -21.81
C LEU A 197 -5.23 -6.11 -23.18
N ASP A 198 -4.18 -5.44 -23.67
CA ASP A 198 -4.25 -4.73 -24.92
C ASP A 198 -3.73 -5.57 -26.09
N CYS A 199 -3.90 -5.07 -27.31
N CYS A 199 -3.90 -5.06 -27.30
CA CYS A 199 -3.55 -5.85 -28.50
CA CYS A 199 -3.53 -5.82 -28.50
C CYS A 199 -2.05 -6.22 -28.55
C CYS A 199 -2.06 -6.23 -28.53
N LYS A 200 -1.21 -5.50 -27.80
CA LYS A 200 0.22 -5.82 -27.72
C LYS A 200 0.61 -6.74 -26.56
N GLY A 201 -0.33 -7.22 -25.78
CA GLY A 201 0.00 -8.09 -24.66
C GLY A 201 0.25 -7.41 -23.34
N ASN A 202 0.08 -6.09 -23.26
CA ASN A 202 0.22 -5.38 -21.98
C ASN A 202 -1.06 -5.46 -21.12
N VAL A 203 -0.87 -5.52 -19.79
CA VAL A 203 -1.96 -5.50 -18.79
C VAL A 203 -1.81 -4.28 -17.92
N ALA A 204 -2.93 -3.87 -17.32
CA ALA A 204 -3.04 -2.69 -16.48
C ALA A 204 -4.27 -2.87 -15.58
N TYR A 205 -4.24 -2.25 -14.41
CA TYR A 205 -5.42 -2.06 -13.60
C TYR A 205 -5.56 -0.58 -13.30
N ALA A 206 -6.79 -0.20 -13.01
CA ALA A 206 -7.12 1.07 -12.32
C ALA A 206 -8.17 0.76 -11.29
N THR A 207 -8.11 1.46 -10.16
CA THR A 207 -9.09 1.39 -9.06
C THR A 207 -9.40 2.83 -8.54
N SER A 208 -10.65 3.12 -8.17
CA SER A 208 -11.01 4.42 -7.64
C SER A 208 -12.16 4.27 -6.64
N THR A 209 -12.19 5.09 -5.59
CA THR A 209 -13.27 4.98 -4.60
C THR A 209 -13.50 6.26 -3.80
N GLY A 210 -14.69 6.38 -3.23
CA GLY A 210 -14.96 7.40 -2.19
C GLY A 210 -14.69 6.93 -0.77
N GLY A 211 -14.49 5.61 -0.62
CA GLY A 211 -14.15 5.02 0.66
C GLY A 211 -15.33 4.32 1.30
N ILE A 212 -15.41 4.43 2.62
CA ILE A 212 -16.46 3.76 3.39
C ILE A 212 -17.25 4.87 4.07
N VAL A 213 -18.57 4.76 4.06
CA VAL A 213 -19.44 5.77 4.66
C VAL A 213 -19.13 5.99 6.16
N ASN A 214 -19.20 7.25 6.57
CA ASN A 214 -18.81 7.73 7.92
C ASN A 214 -17.35 7.50 8.28
N LYS A 215 -16.46 7.44 7.29
CA LYS A 215 -15.05 7.15 7.60
C LYS A 215 -14.42 8.35 8.28
N MET A 216 -13.38 8.10 9.05
CA MET A 216 -12.67 9.15 9.74
C MET A 216 -11.99 10.00 8.70
N THR A 217 -11.94 11.31 8.98
CA THR A 217 -11.24 12.18 8.09
C THR A 217 -9.84 11.63 7.84
N GLY A 218 -9.47 11.53 6.57
CA GLY A 218 -8.10 11.19 6.19
C GLY A 218 -7.85 9.69 6.24
N ARG A 219 -8.89 8.89 6.43
CA ARG A 219 -8.72 7.44 6.30
C ARG A 219 -8.32 7.10 4.87
N VAL A 220 -7.34 6.22 4.73
CA VAL A 220 -6.89 5.69 3.46
C VAL A 220 -7.19 4.21 3.45
N GLY A 221 -7.87 3.77 2.41
CA GLY A 221 -8.23 2.36 2.24
C GLY A 221 -7.25 1.65 1.31
N ASP A 222 -7.70 0.57 0.74
CA ASP A 222 -6.81 -0.25 -0.08
C ASP A 222 -6.60 0.29 -1.51
N SER A 223 -7.53 1.09 -2.01
N SER A 223 -7.54 1.11 -1.98
CA SER A 223 -7.61 1.39 -3.45
CA SER A 223 -7.66 1.42 -3.41
C SER A 223 -6.41 2.14 -4.02
C SER A 223 -6.43 2.14 -4.00
N PRO A 224 -5.75 2.98 -3.19
CA PRO A 224 -4.54 3.64 -3.68
C PRO A 224 -3.24 2.89 -3.40
N CYS A 225 -3.31 1.69 -2.84
CA CYS A 225 -2.13 1.07 -2.31
C CYS A 225 -1.78 -0.11 -3.26
N ILE A 226 -0.63 -0.02 -3.92
CA ILE A 226 -0.21 -0.98 -4.96
C ILE A 226 -0.05 -2.34 -4.30
N GLY A 227 -0.66 -3.38 -4.85
CA GLY A 227 -0.55 -4.63 -4.16
C GLY A 227 -1.87 -5.06 -3.55
N SER A 228 -2.68 -4.07 -3.17
CA SER A 228 -3.91 -4.29 -2.38
C SER A 228 -5.15 -3.92 -3.19
N GLY A 229 -5.26 -2.66 -3.59
CA GLY A 229 -6.35 -2.23 -4.46
C GLY A 229 -6.20 -2.71 -5.89
N GLY A 230 -4.97 -3.05 -6.25
CA GLY A 230 -4.75 -3.59 -7.55
C GLY A 230 -3.28 -3.93 -7.72
N TYR A 231 -2.99 -4.58 -8.83
CA TYR A 231 -1.59 -4.89 -9.25
C TYR A 231 -1.56 -5.30 -10.71
N ALA A 232 -0.55 -4.88 -11.45
CA ALA A 232 -0.48 -5.22 -12.88
C ALA A 232 0.98 -5.58 -13.24
N ASP A 233 1.19 -6.74 -13.85
CA ASP A 233 2.53 -7.17 -14.24
C ASP A 233 2.37 -8.06 -15.50
N ASN A 234 2.99 -7.64 -16.60
CA ASN A 234 2.92 -8.36 -17.90
C ASN A 234 3.38 -9.82 -17.77
N SER A 235 4.21 -10.13 -16.76
CA SER A 235 4.68 -11.49 -16.57
CA SER A 235 4.67 -11.51 -16.58
C SER A 235 3.61 -12.40 -15.97
N ILE A 236 2.52 -11.81 -15.46
CA ILE A 236 1.47 -12.61 -14.79
C ILE A 236 0.07 -12.23 -15.21
N GLY A 237 -0.28 -10.94 -15.03
CA GLY A 237 -1.66 -10.51 -15.14
C GLY A 237 -1.95 -9.21 -14.41
N ALA A 238 -3.24 -8.84 -14.38
CA ALA A 238 -3.70 -7.65 -13.61
C ALA A 238 -4.99 -7.92 -12.87
N VAL A 239 -5.09 -7.29 -11.69
CA VAL A 239 -6.18 -7.44 -10.75
C VAL A 239 -6.62 -6.07 -10.24
N SER A 240 -7.93 -5.89 -10.05
CA SER A 240 -8.48 -4.76 -9.26
C SER A 240 -9.47 -5.35 -8.25
N THR A 241 -9.50 -4.79 -7.05
CA THR A 241 -10.27 -5.36 -5.93
C THR A 241 -11.31 -4.37 -5.40
N THR A 242 -12.25 -4.91 -4.62
CA THR A 242 -13.29 -4.14 -3.89
C THR A 242 -13.65 -4.91 -2.64
N GLY A 243 -14.16 -4.24 -1.61
CA GLY A 243 -14.64 -4.91 -0.39
C GLY A 243 -14.19 -4.18 0.85
N HIS A 244 -14.02 -4.92 1.94
CA HIS A 244 -13.53 -4.34 3.18
C HIS A 244 -12.05 -3.96 3.01
N GLY A 245 -11.79 -2.68 2.87
CA GLY A 245 -10.46 -2.21 2.51
C GLY A 245 -9.41 -2.60 3.51
N GLU A 246 -9.75 -2.60 4.80
CA GLU A 246 -8.76 -2.90 5.80
C GLU A 246 -8.33 -4.37 5.64
N SER A 247 -9.25 -5.27 5.36
CA SER A 247 -8.85 -6.69 5.14
C SER A 247 -8.02 -6.86 3.86
N ILE A 248 -8.41 -6.12 2.82
CA ILE A 248 -7.78 -6.18 1.51
C ILE A 248 -6.33 -5.71 1.69
N LEU A 249 -6.11 -4.60 2.44
CA LEU A 249 -4.76 -4.12 2.74
C LEU A 249 -3.91 -5.16 3.51
N LYS A 250 -4.51 -5.74 4.53
CA LYS A 250 -3.80 -6.65 5.41
C LYS A 250 -3.33 -7.92 4.74
N VAL A 251 -4.05 -8.41 3.74
CA VAL A 251 -3.60 -9.59 2.98
C VAL A 251 -3.02 -9.23 1.60
N ASN A 252 -2.90 -7.93 1.28
CA ASN A 252 -2.48 -7.52 -0.04
C ASN A 252 -3.21 -8.30 -1.13
N LEU A 253 -4.54 -8.25 -1.16
CA LEU A 253 -5.34 -9.17 -1.93
C LEU A 253 -5.02 -9.27 -3.43
N ALA A 254 -4.79 -8.13 -4.12
CA ALA A 254 -4.55 -8.12 -5.58
C ALA A 254 -3.27 -8.88 -5.87
N ARG A 255 -2.21 -8.55 -5.15
CA ARG A 255 -0.94 -9.24 -5.34
C ARG A 255 -0.98 -10.72 -4.98
N LEU A 256 -1.73 -11.05 -3.91
CA LEU A 256 -1.99 -12.45 -3.54
C LEU A 256 -2.66 -13.31 -4.61
N ALA A 257 -3.70 -12.79 -5.28
CA ALA A 257 -4.35 -13.54 -6.36
C ALA A 257 -3.36 -13.94 -7.44
N LEU A 258 -2.48 -13.01 -7.79
CA LEU A 258 -1.44 -13.27 -8.75
C LEU A 258 -0.30 -14.17 -8.29
N PHE A 259 0.06 -14.17 -7.02
CA PHE A 259 1.06 -15.12 -6.54
CA PHE A 259 1.04 -15.13 -6.45
C PHE A 259 0.52 -16.54 -6.76
N HIS A 260 -0.74 -16.74 -6.44
CA HIS A 260 -1.43 -18.00 -6.71
C HIS A 260 -1.44 -18.38 -8.19
N LEU A 261 -1.72 -17.41 -9.08
CA LEU A 261 -1.72 -17.66 -10.51
C LEU A 261 -0.30 -18.03 -10.98
N GLU A 262 0.70 -17.31 -10.50
CA GLU A 262 2.06 -17.45 -11.03
C GLU A 262 2.78 -18.72 -10.64
N GLN A 263 2.38 -19.38 -9.56
CA GLN A 263 3.12 -20.57 -9.17
C GLN A 263 2.62 -21.87 -9.80
N GLY A 264 1.49 -21.82 -10.52
CA GLY A 264 1.14 -22.88 -11.46
C GLY A 264 0.14 -23.88 -10.92
N GLY A 265 -0.49 -24.62 -11.83
CA GLY A 265 -1.53 -25.56 -11.46
C GLY A 265 -2.86 -24.96 -11.14
N LYS A 266 -3.04 -23.67 -11.40
CA LYS A 266 -4.30 -23.02 -11.04
C LYS A 266 -4.83 -22.17 -12.18
N THR A 267 -6.13 -22.18 -12.40
CA THR A 267 -6.71 -21.26 -13.39
C THR A 267 -6.96 -19.90 -12.70
N VAL A 268 -7.40 -18.91 -13.47
CA VAL A 268 -7.71 -17.60 -12.94
C VAL A 268 -8.82 -17.73 -11.92
N ASP A 269 -9.79 -18.60 -12.18
CA ASP A 269 -10.89 -18.84 -11.22
C ASP A 269 -10.38 -19.33 -9.86
N GLU A 270 -9.41 -20.24 -9.89
CA GLU A 270 -8.95 -20.93 -8.67
C GLU A 270 -8.07 -19.97 -7.90
N ALA A 271 -7.23 -19.24 -8.61
CA ALA A 271 -6.36 -18.25 -8.01
C ALA A 271 -7.17 -17.15 -7.30
N ALA A 272 -8.23 -16.69 -7.93
CA ALA A 272 -9.10 -15.71 -7.31
C ALA A 272 -9.88 -16.27 -6.13
N ASP A 273 -10.41 -17.49 -6.24
CA ASP A 273 -11.13 -18.09 -5.09
C ASP A 273 -10.20 -18.32 -3.91
N LEU A 274 -8.92 -18.64 -4.16
CA LEU A 274 -8.01 -18.91 -3.06
C LEU A 274 -7.70 -17.64 -2.28
N ALA A 275 -7.48 -16.55 -3.03
CA ALA A 275 -7.06 -15.26 -2.46
C ALA A 275 -8.23 -14.70 -1.61
N LEU A 276 -9.42 -14.70 -2.21
CA LEU A 276 -10.63 -14.27 -1.50
C LEU A 276 -11.00 -15.25 -0.37
N GLY A 277 -10.76 -16.55 -0.60
CA GLY A 277 -10.88 -17.60 0.45
C GLY A 277 -10.01 -17.34 1.67
N TYR A 278 -8.81 -16.85 1.47
CA TYR A 278 -7.93 -16.62 2.56
C TYR A 278 -8.38 -15.36 3.37
N MET A 279 -8.78 -14.31 2.66
CA MET A 279 -9.18 -13.09 3.30
C MET A 279 -10.39 -13.37 4.23
N LYS A 280 -11.32 -14.14 3.71
CA LYS A 280 -12.53 -14.51 4.43
C LYS A 280 -12.19 -15.37 5.67
N SER A 281 -11.39 -16.42 5.48
CA SER A 281 -11.01 -17.34 6.56
C SER A 281 -10.06 -16.75 7.59
N ARG A 282 -9.06 -15.99 7.18
CA ARG A 282 -8.16 -15.35 8.12
C ARG A 282 -8.75 -14.15 8.86
N LEU A 283 -9.56 -13.34 8.18
CA LEU A 283 -10.01 -12.06 8.73
C LEU A 283 -11.52 -11.88 8.74
N LYS A 284 -12.25 -12.83 8.17
CA LYS A 284 -13.68 -12.69 7.88
C LYS A 284 -14.00 -11.52 6.96
N GLY A 285 -13.04 -11.09 6.13
CA GLY A 285 -13.24 -9.91 5.34
C GLY A 285 -13.75 -10.39 4.02
N LEU A 286 -14.80 -9.72 3.53
CA LEU A 286 -15.48 -10.09 2.30
C LEU A 286 -15.19 -9.05 1.24
N GLY A 287 -15.29 -9.45 -0.01
CA GLY A 287 -15.04 -8.52 -1.09
C GLY A 287 -15.10 -9.18 -2.44
N GLY A 288 -14.37 -8.61 -3.38
CA GLY A 288 -14.44 -9.11 -4.73
C GLY A 288 -13.24 -8.69 -5.53
N LEU A 289 -13.05 -9.36 -6.65
CA LEU A 289 -11.96 -9.04 -7.56
C LEU A 289 -12.22 -9.39 -9.01
N ILE A 290 -11.55 -8.66 -9.89
CA ILE A 290 -11.52 -9.01 -11.30
C ILE A 290 -10.07 -9.28 -11.67
N LEU A 291 -9.86 -10.21 -12.57
CA LEU A 291 -8.52 -10.71 -12.88
C LEU A 291 -8.44 -11.02 -14.36
N VAL A 292 -7.39 -10.53 -15.04
CA VAL A 292 -7.14 -10.91 -16.42
C VAL A 292 -5.67 -11.41 -16.45
N SER A 293 -5.45 -12.62 -16.96
CA SER A 293 -4.08 -13.13 -17.09
C SER A 293 -3.42 -12.55 -18.33
N ARG A 294 -2.11 -12.76 -18.39
CA ARG A 294 -1.32 -12.33 -19.51
C ARG A 294 -1.64 -12.99 -20.83
N THR A 295 -2.43 -14.07 -20.78
CA THR A 295 -2.92 -14.78 -21.96
C THR A 295 -4.39 -14.49 -22.26
N GLY A 296 -5.00 -13.60 -21.48
CA GLY A 296 -6.31 -13.11 -21.81
C GLY A 296 -7.46 -13.86 -21.20
N GLU A 297 -7.19 -14.78 -20.30
CA GLU A 297 -8.26 -15.43 -19.56
C GLU A 297 -8.67 -14.47 -18.47
N TRP A 298 -9.94 -14.44 -18.10
CA TRP A 298 -10.41 -13.40 -17.17
C TRP A 298 -11.43 -14.00 -16.25
N VAL A 299 -11.63 -13.40 -15.09
CA VAL A 299 -12.69 -13.82 -14.17
C VAL A 299 -13.13 -12.63 -13.28
N ALA A 300 -14.40 -12.66 -12.87
CA ALA A 300 -14.93 -11.79 -11.79
C ALA A 300 -15.43 -12.70 -10.68
N LYS A 301 -14.89 -12.58 -9.49
CA LYS A 301 -15.29 -13.37 -8.31
C LYS A 301 -15.48 -12.50 -7.08
N TRP A 302 -16.33 -12.97 -6.17
CA TRP A 302 -16.67 -12.24 -4.98
C TRP A 302 -17.24 -13.16 -3.89
N THR A 303 -16.92 -12.83 -2.66
CA THR A 303 -17.48 -13.48 -1.48
C THR A 303 -18.52 -12.60 -0.79
N SER A 304 -18.68 -11.36 -1.24
CA SER A 304 -19.77 -10.52 -0.73
C SER A 304 -21.05 -11.03 -1.36
N THR A 305 -22.18 -10.42 -1.04
CA THR A 305 -23.41 -10.88 -1.60
C THR A 305 -23.51 -10.58 -3.10
N SER A 306 -22.99 -9.43 -3.53
CA SER A 306 -23.09 -9.00 -4.92
C SER A 306 -21.83 -8.23 -5.32
N MET A 307 -21.56 -8.18 -6.62
CA MET A 307 -20.48 -7.33 -7.15
C MET A 307 -20.81 -7.03 -8.60
N PRO A 308 -21.26 -5.80 -8.89
CA PRO A 308 -21.48 -5.48 -10.28
C PRO A 308 -20.20 -5.62 -11.12
N TRP A 309 -20.32 -6.23 -12.28
CA TRP A 309 -19.17 -6.51 -13.13
C TRP A 309 -19.62 -6.60 -14.58
N ALA A 310 -18.72 -6.33 -15.51
CA ALA A 310 -18.97 -6.58 -16.91
C ALA A 310 -17.64 -6.75 -17.58
N ALA A 311 -17.63 -7.48 -18.68
CA ALA A 311 -16.42 -7.77 -19.45
C ALA A 311 -16.75 -7.76 -20.91
N VAL A 312 -15.77 -7.41 -21.72
CA VAL A 312 -15.90 -7.45 -23.13
C VAL A 312 -14.69 -8.14 -23.67
N LYS A 313 -14.95 -9.16 -24.47
CA LYS A 313 -13.92 -9.83 -25.25
C LYS A 313 -14.53 -10.34 -26.53
N GLY A 314 -13.79 -10.22 -27.62
CA GLY A 314 -14.29 -10.53 -28.95
C GLY A 314 -15.51 -9.70 -29.32
N GLY A 315 -16.61 -10.38 -29.68
CA GLY A 315 -17.85 -9.71 -30.02
C GLY A 315 -18.92 -9.83 -28.97
N LYS A 316 -18.56 -10.17 -27.72
CA LYS A 316 -19.55 -10.43 -26.69
C LYS A 316 -19.32 -9.57 -25.45
N VAL A 317 -20.42 -9.10 -24.86
CA VAL A 317 -20.42 -8.37 -23.60
C VAL A 317 -21.04 -9.30 -22.54
N HIS A 318 -20.33 -9.49 -21.45
CA HIS A 318 -20.79 -10.30 -20.34
C HIS A 318 -21.00 -9.37 -19.14
N ALA A 319 -22.07 -9.60 -18.37
CA ALA A 319 -22.30 -8.80 -17.17
C ALA A 319 -23.16 -9.48 -16.14
N GLY A 320 -23.03 -9.03 -14.89
CA GLY A 320 -23.93 -9.46 -13.82
C GLY A 320 -23.72 -8.72 -12.52
N ILE A 321 -24.43 -9.17 -11.48
CA ILE A 321 -24.40 -8.54 -10.17
C ILE A 321 -24.36 -9.57 -9.05
N ASP A 322 -25.14 -10.66 -9.20
CA ASP A 322 -25.20 -11.78 -8.24
C ASP A 322 -24.82 -13.06 -8.94
N LEU A 323 -24.76 -14.15 -8.17
CA LEU A 323 -24.52 -15.49 -8.76
C LEU A 323 -25.44 -15.87 -9.92
N ASN A 324 -26.70 -15.41 -9.91
CA ASN A 324 -27.74 -15.94 -10.83
C ASN A 324 -28.15 -15.08 -12.02
N ASP A 325 -27.63 -13.86 -12.14
CA ASP A 325 -28.15 -12.92 -13.14
C ASP A 325 -27.16 -12.58 -14.25
N THR A 326 -26.18 -13.44 -14.47
CA THR A 326 -25.19 -13.24 -15.54
C THR A 326 -25.83 -13.30 -16.93
N THR A 327 -25.58 -12.28 -17.74
CA THR A 327 -26.02 -12.27 -19.14
C THR A 327 -24.84 -12.08 -20.09
N VAL A 328 -25.05 -12.50 -21.33
CA VAL A 328 -24.09 -12.38 -22.42
C VAL A 328 -24.85 -11.87 -23.63
N THR A 329 -24.37 -10.80 -24.25
CA THR A 329 -25.05 -10.22 -25.41
C THR A 329 -24.02 -9.81 -26.46
N ASP A 330 -24.46 -9.66 -27.69
CA ASP A 330 -23.60 -9.20 -28.76
C ASP A 330 -23.17 -7.75 -28.53
N LEU A 331 -21.89 -7.48 -28.70
CA LEU A 331 -21.39 -6.13 -28.67
C LEU A 331 -21.88 -5.40 -29.92
N CYS A 332 -22.02 -4.08 -29.85
CA CYS A 332 -22.25 -3.29 -31.06
C CYS A 332 -21.56 -1.93 -30.99
N HIS B 23 7.71 -21.52 24.36
CA HIS B 23 8.53 -20.31 24.67
C HIS B 23 9.80 -20.29 23.83
N MET B 24 9.95 -19.25 23.01
CA MET B 24 11.03 -19.18 22.02
C MET B 24 12.10 -18.16 22.36
N GLU B 25 13.31 -18.37 21.84
CA GLU B 25 14.38 -17.39 22.06
C GLU B 25 14.04 -16.13 21.26
N PRO B 26 14.04 -14.96 21.93
CA PRO B 26 13.55 -13.81 21.18
C PRO B 26 14.64 -13.08 20.37
N VAL B 27 14.21 -12.37 19.33
CA VAL B 27 15.10 -11.69 18.37
C VAL B 27 14.62 -10.29 18.11
N LEU B 28 15.55 -9.36 17.98
CA LEU B 28 15.18 -8.07 17.52
C LEU B 28 16.19 -7.60 16.52
N VAL B 29 15.74 -7.19 15.35
CA VAL B 29 16.64 -6.62 14.35
C VAL B 29 16.22 -5.20 14.05
N VAL B 30 17.18 -4.32 13.84
CA VAL B 30 16.88 -2.96 13.41
C VAL B 30 17.69 -2.57 12.19
N HIS B 31 17.22 -1.58 11.46
CA HIS B 31 18.05 -0.94 10.44
C HIS B 31 17.91 0.54 10.40
N GLY B 32 18.91 1.17 9.80
CA GLY B 32 18.92 2.58 9.44
C GLY B 32 18.79 2.60 7.92
N GLY B 33 19.19 3.68 7.30
CA GLY B 33 18.95 3.83 5.85
C GLY B 33 20.17 3.58 5.00
N GLY B 34 20.57 4.57 4.21
CA GLY B 34 21.67 4.42 3.25
C GLY B 34 22.53 5.67 3.15
N ARG B 42 31.80 9.99 12.07
CA ARG B 42 30.34 9.99 12.07
C ARG B 42 29.73 8.61 11.93
N ARG B 43 30.51 7.65 11.44
CA ARG B 43 30.04 6.26 11.27
C ARG B 43 29.89 5.53 12.62
N GLN B 44 30.59 6.02 13.63
CA GLN B 44 30.52 5.44 14.97
C GLN B 44 29.23 5.83 15.68
N ARG B 45 28.80 7.08 15.52
CA ARG B 45 27.55 7.53 16.13
C ARG B 45 26.40 6.73 15.52
N VAL B 46 26.45 6.52 14.22
CA VAL B 46 25.40 5.79 13.51
C VAL B 46 25.36 4.35 14.03
N ARG B 47 26.53 3.74 14.17
CA ARG B 47 26.63 2.37 14.68
C ARG B 47 26.14 2.25 16.14
N GLN B 48 26.53 3.20 16.98
CA GLN B 48 26.01 3.28 18.35
C GLN B 48 24.46 3.36 18.39
N GLY B 49 23.90 4.22 17.53
CA GLY B 49 22.44 4.35 17.39
C GLY B 49 21.72 3.04 17.14
N VAL B 50 22.09 2.32 16.11
CA VAL B 50 21.41 1.04 15.84
C VAL B 50 21.57 0.06 16.98
N ILE B 51 22.76 0.02 17.56
CA ILE B 51 22.95 -0.89 18.70
C ILE B 51 22.09 -0.45 19.88
N ARG B 52 22.14 0.83 20.24
CA ARG B 52 21.28 1.30 21.35
C ARG B 52 19.81 0.93 21.06
N ALA B 53 19.36 1.16 19.82
CA ALA B 53 17.95 0.91 19.50
C ALA B 53 17.59 -0.54 19.59
N ALA B 54 18.43 -1.43 19.05
CA ALA B 54 18.13 -2.87 19.12
C ALA B 54 18.18 -3.41 20.56
N SER B 55 19.10 -2.87 21.37
CA SER B 55 19.19 -3.32 22.79
C SER B 55 17.96 -2.84 23.54
N LEU B 56 17.58 -1.58 23.29
CA LEU B 56 16.36 -1.09 23.92
C LEU B 56 15.17 -2.02 23.58
N GLY B 57 14.97 -2.31 22.29
CA GLY B 57 13.83 -3.15 21.90
C GLY B 57 13.93 -4.57 22.43
N HIS B 58 15.15 -5.11 22.44
CA HIS B 58 15.36 -6.48 22.95
C HIS B 58 15.09 -6.56 24.46
N GLY B 59 15.45 -5.52 25.20
CA GLY B 59 15.11 -5.48 26.63
C GLY B 59 13.59 -5.61 26.87
N VAL B 60 12.79 -5.07 25.94
CA VAL B 60 11.33 -5.14 26.09
C VAL B 60 10.89 -6.58 26.01
N LEU B 61 11.45 -7.26 25.01
CA LEU B 61 11.15 -8.67 24.79
C LEU B 61 11.64 -9.51 25.97
N ARG B 62 12.85 -9.27 26.46
CA ARG B 62 13.33 -10.02 27.64
C ARG B 62 12.42 -9.82 28.86
N ALA B 63 11.83 -8.62 29.00
CA ALA B 63 10.88 -8.39 30.08
C ALA B 63 9.54 -9.02 29.83
N GLY B 64 9.33 -9.68 28.68
CA GLY B 64 8.04 -10.29 28.39
C GLY B 64 7.07 -9.39 27.63
N GLY B 65 7.56 -8.29 27.06
CA GLY B 65 6.70 -7.43 26.24
C GLY B 65 6.54 -8.06 24.85
N SER B 66 5.52 -7.61 24.13
CA SER B 66 5.20 -8.14 22.81
C SER B 66 6.19 -7.73 21.71
N ALA B 67 6.16 -8.49 20.61
CA ALA B 67 6.89 -8.15 19.41
C ALA B 67 6.54 -6.71 18.95
N VAL B 68 5.24 -6.38 18.97
CA VAL B 68 4.73 -5.01 18.63
C VAL B 68 5.29 -3.96 19.57
N ASP B 69 5.25 -4.25 20.88
CA ASP B 69 5.83 -3.37 21.89
C ASP B 69 7.25 -3.08 21.54
N ALA B 70 7.97 -4.14 21.20
CA ALA B 70 9.41 -4.03 21.02
C ALA B 70 9.81 -3.31 19.75
N VAL B 71 9.13 -3.60 18.62
CA VAL B 71 9.38 -2.85 17.39
C VAL B 71 9.04 -1.37 17.50
N GLU B 72 7.93 -1.04 18.17
CA GLU B 72 7.58 0.35 18.45
C GLU B 72 8.67 1.05 19.21
N ALA B 73 9.14 0.41 20.28
CA ALA B 73 10.14 1.04 21.13
C ALA B 73 11.41 1.25 20.35
N ALA B 74 11.82 0.25 19.56
CA ALA B 74 13.09 0.44 18.78
C ALA B 74 13.01 1.56 17.78
N VAL B 75 11.90 1.60 17.01
CA VAL B 75 11.80 2.64 15.98
C VAL B 75 11.65 4.03 16.59
N ALA B 76 10.97 4.11 17.73
CA ALA B 76 10.84 5.39 18.38
C ALA B 76 12.22 5.93 18.84
N ALA B 77 13.12 5.03 19.26
CA ALA B 77 14.49 5.42 19.62
C ALA B 77 15.20 5.98 18.40
N LEU B 78 15.01 5.31 17.26
CA LEU B 78 15.64 5.78 16.01
C LEU B 78 15.01 7.04 15.48
N GLU B 79 13.69 7.21 15.69
CA GLU B 79 13.08 8.48 15.46
C GLU B 79 13.72 9.60 16.31
N ASP B 80 13.89 9.37 17.61
CA ASP B 80 14.45 10.41 18.50
C ASP B 80 15.94 10.76 18.20
N ASP B 81 16.67 9.82 17.64
CA ASP B 81 18.09 9.99 17.33
C ASP B 81 18.25 10.86 16.08
N ALA B 82 18.87 12.05 16.23
CA ALA B 82 18.94 13.01 15.15
C ALA B 82 19.81 12.57 13.97
N GLU B 83 20.52 11.44 14.10
CA GLU B 83 21.36 10.90 13.02
C GLU B 83 20.59 10.05 12.00
N PHE B 84 19.33 9.72 12.27
CA PHE B 84 18.56 8.88 11.36
C PHE B 84 17.39 9.64 10.74
N ASN B 85 17.13 9.36 9.46
CA ASN B 85 16.09 10.02 8.69
C ASN B 85 14.71 9.49 9.08
N ALA B 86 14.25 9.99 10.23
CA ALA B 86 12.95 9.63 10.75
C ALA B 86 12.76 10.44 12.03
N GLY B 87 11.57 11.00 12.24
CA GLY B 87 11.31 11.78 13.44
C GLY B 87 12.31 12.93 13.40
N HIS B 88 12.95 13.17 14.54
CA HIS B 88 14.02 14.19 14.64
C HIS B 88 15.18 13.77 13.74
N GLY B 89 15.54 14.61 12.80
CA GLY B 89 16.61 14.28 11.83
C GLY B 89 16.08 13.87 10.48
N SER B 90 14.76 13.94 10.29
CA SER B 90 14.17 13.67 8.97
C SER B 90 14.71 14.63 7.91
N VAL B 91 14.88 14.12 6.69
CA VAL B 91 15.19 14.99 5.53
C VAL B 91 14.04 15.97 5.25
N LEU B 92 14.35 17.02 4.48
CA LEU B 92 13.40 18.11 4.22
C LEU B 92 12.68 18.01 2.85
N THR B 93 11.43 18.45 2.81
CA THR B 93 10.68 18.52 1.56
C THR B 93 11.14 19.74 0.75
N GLU B 94 10.68 19.82 -0.49
CA GLU B 94 10.90 20.98 -1.37
C GLU B 94 10.62 22.34 -0.72
N ASN B 95 9.72 22.41 0.27
CA ASN B 95 9.47 23.67 0.95
C ASN B 95 10.25 23.81 2.25
N GLY B 96 11.27 22.97 2.43
CA GLY B 96 12.09 22.97 3.65
C GLY B 96 11.33 22.53 4.90
N ASP B 97 10.33 21.68 4.70
CA ASP B 97 9.44 21.21 5.75
C ASP B 97 9.72 19.72 6.07
N VAL B 98 9.34 19.23 7.24
CA VAL B 98 9.38 17.77 7.50
C VAL B 98 7.99 17.11 7.32
N GLU B 99 7.91 16.06 6.49
CA GLU B 99 6.67 15.21 6.36
C GLU B 99 7.10 13.79 6.56
N MET B 100 6.43 13.06 7.47
CA MET B 100 6.89 11.72 7.86
C MET B 100 5.84 10.68 7.60
N ASP B 101 6.33 9.45 7.36
CA ASP B 101 5.45 8.27 7.12
C ASP B 101 5.86 7.18 8.11
N ALA B 102 4.92 6.39 8.64
CA ALA B 102 5.33 5.22 9.43
C ALA B 102 4.25 4.19 9.42
N SER B 103 4.64 2.93 9.61
CA SER B 103 3.70 1.81 9.73
C SER B 103 4.17 0.72 10.72
N ILE B 104 3.22 -0.09 11.18
CA ILE B 104 3.45 -1.15 12.18
C ILE B 104 2.45 -2.25 11.87
N MET B 105 2.81 -3.50 12.15
CA MET B 105 1.97 -4.64 11.91
C MET B 105 2.30 -5.71 12.92
N ASP B 106 1.21 -6.34 13.37
CA ASP B 106 1.14 -7.40 14.32
C ASP B 106 0.87 -8.71 13.55
N GLY B 107 1.87 -9.59 13.49
CA GLY B 107 1.73 -10.83 12.71
C GLY B 107 0.75 -11.85 13.27
N ARG B 108 0.25 -11.61 14.48
CA ARG B 108 -0.70 -12.56 15.09
C ARG B 108 -2.05 -12.55 14.43
N ASP B 109 -2.65 -11.35 14.29
CA ASP B 109 -3.98 -11.19 13.67
C ASP B 109 -3.95 -10.29 12.39
N LEU B 110 -2.75 -9.90 11.99
CA LEU B 110 -2.49 -9.06 10.83
C LEU B 110 -2.95 -7.62 11.12
N GLY B 111 -3.04 -7.25 12.41
CA GLY B 111 -3.42 -5.91 12.80
C GLY B 111 -2.39 -4.96 12.21
N ALA B 112 -2.83 -3.79 11.79
CA ALA B 112 -1.92 -2.86 11.15
C ALA B 112 -2.40 -1.43 11.39
N GLY B 113 -1.43 -0.55 11.48
CA GLY B 113 -1.64 0.86 11.54
C GLY B 113 -0.55 1.58 10.77
N ALA B 114 -0.91 2.71 10.16
CA ALA B 114 0.01 3.51 9.35
C ALA B 114 -0.44 4.95 9.32
N VAL B 115 0.53 5.84 9.14
CA VAL B 115 0.27 7.24 8.94
C VAL B 115 1.15 7.75 7.81
N SER B 116 0.66 8.73 7.06
CA SER B 116 1.44 9.36 6.00
C SER B 116 1.35 10.88 5.98
N ALA B 117 2.43 11.48 5.53
CA ALA B 117 2.48 12.93 5.40
C ALA B 117 2.13 13.66 6.71
N VAL B 118 2.66 13.13 7.82
CA VAL B 118 2.50 13.70 9.12
C VAL B 118 3.50 14.84 9.36
N ARG B 119 3.01 15.96 9.88
CA ARG B 119 3.91 17.08 10.21
C ARG B 119 3.90 17.34 11.69
N CYS B 120 5.00 17.87 12.21
CA CYS B 120 5.03 18.42 13.57
C CYS B 120 4.63 17.40 14.64
N ILE B 121 5.09 16.17 14.49
CA ILE B 121 4.83 15.10 15.43
C ILE B 121 6.20 14.49 15.73
N ALA B 122 6.54 14.33 17.00
CA ALA B 122 7.85 13.84 17.37
C ALA B 122 7.95 12.35 17.00
N ASN B 123 6.88 11.59 17.21
CA ASN B 123 6.96 10.11 17.07
C ASN B 123 5.92 9.47 16.16
N PRO B 124 6.16 9.54 14.85
CA PRO B 124 5.16 8.99 13.96
C PRO B 124 4.75 7.51 14.20
N ILE B 125 5.70 6.65 14.57
CA ILE B 125 5.40 5.20 14.78
C ILE B 125 4.44 4.98 15.94
N LYS B 126 4.55 5.83 16.96
CA LYS B 126 3.65 5.79 18.10
C LYS B 126 2.26 6.22 17.67
N LEU B 127 2.12 7.16 16.75
CA LEU B 127 0.81 7.45 16.12
C LEU B 127 0.27 6.25 15.27
N ALA B 128 1.15 5.69 14.43
CA ALA B 128 0.75 4.48 13.66
C ALA B 128 0.18 3.38 14.59
N ARG B 129 0.79 3.17 15.75
CA ARG B 129 0.34 2.12 16.63
C ARG B 129 -1.05 2.44 17.20
N LEU B 130 -1.30 3.69 17.52
CA LEU B 130 -2.64 4.11 17.99
C LEU B 130 -3.72 3.95 16.91
N VAL B 131 -3.38 4.20 15.64
CA VAL B 131 -4.28 3.97 14.53
C VAL B 131 -4.68 2.48 14.58
N MET B 132 -3.70 1.61 14.69
CA MET B 132 -3.96 0.14 14.74
C MET B 132 -4.82 -0.21 15.95
N ASP B 133 -4.47 0.26 17.15
CA ASP B 133 -5.16 -0.22 18.36
C ASP B 133 -6.47 0.52 18.68
N LYS B 134 -6.61 1.77 18.27
CA LYS B 134 -7.74 2.61 18.71
C LYS B 134 -8.81 2.93 17.66
N THR B 135 -8.60 2.56 16.39
CA THR B 135 -9.56 2.88 15.33
C THR B 135 -9.94 1.59 14.62
N PRO B 136 -11.07 1.59 13.89
CA PRO B 136 -11.35 0.45 12.99
C PRO B 136 -10.67 0.60 11.60
N HIS B 137 -9.63 1.44 11.52
CA HIS B 137 -8.93 1.71 10.26
C HIS B 137 -7.45 1.36 10.38
N CYS B 138 -6.76 1.29 9.25
CA CYS B 138 -5.36 0.90 9.24
C CYS B 138 -4.43 2.03 8.77
N PHE B 139 -4.97 3.14 8.23
CA PHE B 139 -4.13 4.10 7.58
C PHE B 139 -4.82 5.46 7.57
N LEU B 140 -4.14 6.46 8.13
CA LEU B 140 -4.58 7.82 8.10
C LEU B 140 -3.48 8.71 7.51
N THR B 141 -3.89 9.78 6.84
CA THR B 141 -2.98 10.72 6.24
C THR B 141 -3.26 12.19 6.57
N GLY B 142 -2.20 12.99 6.53
CA GLY B 142 -2.25 14.44 6.59
C GLY B 142 -2.97 15.05 7.81
N GLN B 143 -3.90 15.94 7.49
CA GLN B 143 -4.66 16.66 8.49
C GLN B 143 -5.59 15.71 9.27
N GLY B 144 -6.06 14.63 8.65
CA GLY B 144 -6.82 13.61 9.40
C GLY B 144 -6.01 12.86 10.47
N ALA B 145 -4.75 12.55 10.14
CA ALA B 145 -3.84 11.99 11.08
C ALA B 145 -3.50 12.97 12.20
N ALA B 146 -3.36 14.28 11.90
CA ALA B 146 -3.13 15.31 12.94
C ALA B 146 -4.33 15.43 13.89
N LYS B 147 -5.54 15.32 13.34
CA LYS B 147 -6.74 15.37 14.12
C LYS B 147 -6.85 14.17 15.06
N PHE B 148 -6.55 12.97 14.55
CA PHE B 148 -6.46 11.81 15.40
C PHE B 148 -5.37 11.93 16.46
N ALA B 149 -4.19 12.48 16.12
CA ALA B 149 -3.18 12.70 17.14
C ALA B 149 -3.74 13.54 18.29
N ALA B 150 -4.43 14.61 17.94
CA ALA B 150 -5.15 15.45 18.91
C ALA B 150 -6.15 14.70 19.77
N ASP B 151 -6.98 13.86 19.16
CA ASP B 151 -7.89 13.00 19.91
C ASP B 151 -7.23 12.06 20.90
N MET B 152 -5.99 11.67 20.59
CA MET B 152 -5.20 10.81 21.47
C MET B 152 -4.39 11.53 22.53
N GLY B 153 -4.37 12.85 22.52
CA GLY B 153 -3.64 13.62 23.51
C GLY B 153 -2.17 13.90 23.15
N ILE B 154 -1.80 13.71 21.88
CA ILE B 154 -0.43 13.94 21.44
C ILE B 154 -0.28 15.39 21.01
N SER B 155 0.71 16.10 21.55
CA SER B 155 0.87 17.51 21.17
C SER B 155 1.60 17.61 19.82
N GLU B 156 1.29 18.63 19.04
CA GLU B 156 2.20 19.09 17.97
C GLU B 156 3.37 19.83 18.57
N ILE B 157 4.51 19.68 17.92
CA ILE B 157 5.69 20.41 18.33
C ILE B 157 6.04 21.37 17.22
N PRO B 158 6.82 22.42 17.53
CA PRO B 158 7.27 23.30 16.46
C PRO B 158 8.07 22.53 15.39
N GLY B 159 7.74 22.78 14.13
CA GLY B 159 8.35 22.07 13.00
C GLY B 159 9.86 22.16 12.93
N GLU B 160 10.40 23.36 13.20
CA GLU B 160 11.86 23.59 13.22
C GLU B 160 12.63 22.68 14.20
N GLN B 161 11.97 22.20 15.24
CA GLN B 161 12.61 21.26 16.15
C GLN B 161 12.98 19.92 15.53
N LEU B 162 12.30 19.52 14.45
CA LEU B 162 12.64 18.28 13.77
C LEU B 162 13.77 18.52 12.76
N VAL B 163 14.09 19.79 12.50
CA VAL B 163 15.08 20.17 11.47
C VAL B 163 16.48 20.35 12.05
N THR B 164 17.45 19.62 11.50
CA THR B 164 18.88 19.81 11.77
C THR B 164 19.56 20.68 10.69
N GLU B 165 20.76 21.16 11.00
CA GLU B 165 21.51 22.02 10.07
C GLU B 165 22.07 21.22 8.91
N ARG B 166 22.46 19.98 9.16
CA ARG B 166 22.91 19.10 8.08
C ARG B 166 21.79 18.98 7.01
N ASN B 167 20.54 18.96 7.47
CA ASN B 167 19.41 18.82 6.55
C ASN B 167 19.03 20.11 5.82
N ARG B 168 19.18 21.26 6.48
CA ARG B 168 19.10 22.53 5.74
C ARG B 168 20.19 22.57 4.67
N LYS B 169 21.40 22.11 5.02
CA LYS B 169 22.51 22.02 4.05
C LYS B 169 22.23 21.07 2.90
N ARG B 170 21.82 19.84 3.18
CA ARG B 170 21.52 18.88 2.11
C ARG B 170 20.47 19.43 1.14
N LEU B 171 19.48 20.14 1.67
CA LEU B 171 18.42 20.73 0.83
C LEU B 171 18.95 21.78 -0.16
N GLU B 172 19.99 22.52 0.22
CA GLU B 172 20.65 23.50 -0.68
C GLU B 172 21.30 22.77 -1.84
N LYS B 173 22.10 21.77 -1.49
CA LYS B 173 22.88 20.99 -2.44
C LYS B 173 22.01 20.36 -3.54
N GLU B 174 20.77 19.97 -3.19
CA GLU B 174 19.85 19.39 -4.19
C GLU B 174 19.29 20.44 -5.14
N ARG B 175 19.54 21.71 -4.85
CA ARG B 175 19.23 22.82 -5.76
C ARG B 175 20.49 23.44 -6.38
N LEU B 189 18.97 8.80 2.13
CA LEU B 189 19.13 8.54 3.56
C LEU B 189 18.21 7.43 4.11
N GLY B 190 17.22 7.03 3.36
CA GLY B 190 16.39 5.88 3.71
C GLY B 190 15.42 6.08 4.89
N THR B 191 15.07 4.95 5.48
CA THR B 191 14.09 4.88 6.55
C THR B 191 14.74 4.27 7.80
N VAL B 192 13.96 3.99 8.84
CA VAL B 192 14.41 3.13 9.91
C VAL B 192 13.35 2.08 10.13
N GLY B 193 13.75 1.01 10.79
CA GLY B 193 12.92 -0.18 10.89
C GLY B 193 13.33 -1.16 11.95
N ALA B 194 12.38 -2.01 12.33
CA ALA B 194 12.72 -3.04 13.23
C ALA B 194 11.81 -4.17 12.95
N VAL B 195 12.32 -5.38 13.22
CA VAL B 195 11.49 -6.57 13.28
C VAL B 195 11.82 -7.29 14.54
N ALA B 196 10.89 -8.10 15.05
CA ALA B 196 11.03 -8.73 16.33
C ALA B 196 10.33 -10.06 16.28
N LEU B 197 10.88 -11.02 17.01
CA LEU B 197 10.18 -12.27 17.38
C LEU B 197 10.18 -12.30 18.88
N ASP B 198 9.02 -12.53 19.49
CA ASP B 198 8.89 -12.46 20.92
C ASP B 198 8.84 -13.88 21.53
N CYS B 199 8.73 -13.95 22.85
N CYS B 199 8.73 -13.95 22.84
CA CYS B 199 8.86 -15.21 23.58
CA CYS B 199 8.85 -15.20 23.57
C CYS B 199 7.69 -16.15 23.37
C CYS B 199 7.69 -16.16 23.37
N LYS B 200 6.56 -15.64 22.89
CA LYS B 200 5.41 -16.50 22.62
C LYS B 200 5.35 -16.83 21.13
N GLY B 201 6.38 -16.43 20.39
CA GLY B 201 6.45 -16.75 18.95
C GLY B 201 5.78 -15.77 18.00
N ASN B 202 5.42 -14.56 18.49
CA ASN B 202 4.76 -13.55 17.62
C ASN B 202 5.79 -12.69 16.91
N VAL B 203 5.46 -12.24 15.69
CA VAL B 203 6.32 -11.34 14.92
C VAL B 203 5.63 -10.00 14.62
N ALA B 204 6.43 -8.99 14.32
CA ALA B 204 5.94 -7.65 14.08
C ALA B 204 7.04 -6.90 13.36
N TYR B 205 6.67 -5.88 12.59
CA TYR B 205 7.63 -4.88 12.09
C TYR B 205 7.14 -3.48 12.37
N ALA B 206 8.06 -2.55 12.32
CA ALA B 206 7.79 -1.13 12.33
C ALA B 206 8.76 -0.49 11.35
N THR B 207 8.29 0.54 10.65
CA THR B 207 9.07 1.35 9.77
C THR B 207 8.68 2.83 9.91
N SER B 208 9.65 3.71 9.82
CA SER B 208 9.36 5.12 9.93
C SER B 208 10.40 5.84 9.12
N THR B 209 9.98 6.93 8.48
CA THR B 209 10.87 7.71 7.62
C THR B 209 10.51 9.20 7.51
N GLY B 210 11.50 10.01 7.15
CA GLY B 210 11.31 11.41 6.76
C GLY B 210 11.16 11.54 5.24
N GLY B 211 11.44 10.45 4.52
CA GLY B 211 11.28 10.40 3.07
C GLY B 211 12.57 10.65 2.31
N ILE B 212 12.49 11.47 1.26
CA ILE B 212 13.62 11.74 0.36
C ILE B 212 13.85 13.27 0.30
N VAL B 213 15.10 13.71 0.26
CA VAL B 213 15.42 15.15 0.32
C VAL B 213 14.78 15.88 -0.87
N ASN B 214 14.34 17.11 -0.64
CA ASN B 214 13.63 17.91 -1.64
C ASN B 214 12.42 17.23 -2.31
N LYS B 215 11.74 16.34 -1.60
CA LYS B 215 10.56 15.68 -2.19
C LYS B 215 9.37 16.62 -2.38
N MET B 216 8.56 16.26 -3.36
CA MET B 216 7.28 16.91 -3.62
C MET B 216 6.44 16.82 -2.40
N THR B 217 5.72 17.89 -2.15
CA THR B 217 4.79 17.98 -1.05
C THR B 217 3.73 16.92 -1.21
N GLY B 218 3.55 16.14 -0.12
CA GLY B 218 2.51 15.16 -0.07
C GLY B 218 2.91 13.88 -0.77
N ARG B 219 4.19 13.76 -1.15
CA ARG B 219 4.71 12.48 -1.66
C ARG B 219 4.68 11.44 -0.55
N VAL B 220 4.19 10.26 -0.90
CA VAL B 220 4.15 9.14 0.01
C VAL B 220 5.04 8.06 -0.58
N GLY B 221 5.86 7.47 0.25
CA GLY B 221 6.78 6.43 -0.17
C GLY B 221 6.28 5.08 0.24
N ASP B 222 7.20 4.14 0.39
CA ASP B 222 6.81 2.77 0.70
C ASP B 222 6.58 2.53 2.21
N SER B 223 7.15 3.36 3.06
CA SER B 223 7.20 3.08 4.51
C SER B 223 5.81 2.92 5.18
N PRO B 224 4.78 3.66 4.73
CA PRO B 224 3.48 3.47 5.43
C PRO B 224 2.62 2.45 4.71
N CYS B 225 3.15 1.82 3.64
CA CYS B 225 2.28 0.94 2.83
C CYS B 225 2.50 -0.55 3.18
N ILE B 226 1.46 -1.20 3.71
CA ILE B 226 1.57 -2.61 4.16
C ILE B 226 1.88 -3.55 2.96
N GLY B 227 2.90 -4.39 3.15
CA GLY B 227 3.45 -5.22 2.08
C GLY B 227 4.68 -4.67 1.39
N SER B 228 4.93 -3.36 1.54
CA SER B 228 6.00 -2.67 0.87
C SER B 228 7.06 -2.14 1.86
N GLY B 229 6.66 -1.26 2.77
CA GLY B 229 7.56 -0.86 3.86
C GLY B 229 7.81 -1.95 4.87
N GLY B 230 6.92 -2.93 4.90
CA GLY B 230 7.09 -4.03 5.75
C GLY B 230 5.90 -4.92 5.70
N TYR B 231 6.03 -6.08 6.32
CA TYR B 231 4.95 -7.06 6.47
C TYR B 231 5.28 -7.97 7.63
N ALA B 232 4.26 -8.47 8.32
CA ALA B 232 4.44 -9.42 9.44
C ALA B 232 3.24 -10.34 9.52
N ASP B 233 3.53 -11.63 9.65
CA ASP B 233 2.55 -12.69 9.68
C ASP B 233 3.18 -13.85 10.45
N ASN B 234 2.55 -14.29 11.55
CA ASN B 234 3.10 -15.36 12.41
C ASN B 234 3.41 -16.69 11.63
N SER B 235 2.63 -16.95 10.59
N SER B 235 2.65 -16.95 10.58
CA SER B 235 2.76 -18.12 9.75
CA SER B 235 2.80 -18.15 9.78
C SER B 235 4.06 -18.13 8.93
C SER B 235 4.04 -18.12 8.89
N ILE B 236 4.74 -16.99 8.83
CA ILE B 236 5.95 -16.88 8.02
C ILE B 236 7.08 -16.09 8.69
N GLY B 237 6.85 -14.80 8.98
CA GLY B 237 7.98 -13.95 9.42
C GLY B 237 7.64 -12.47 9.39
N ALA B 238 8.64 -11.61 9.61
CA ALA B 238 8.42 -10.17 9.45
C ALA B 238 9.58 -9.53 8.78
N VAL B 239 9.27 -8.49 8.02
CA VAL B 239 10.23 -7.75 7.29
C VAL B 239 10.02 -6.27 7.45
N SER B 240 11.12 -5.55 7.40
CA SER B 240 11.06 -4.11 7.21
C SER B 240 12.12 -3.76 6.16
N THR B 241 11.85 -2.73 5.35
CA THR B 241 12.60 -2.40 4.16
C THR B 241 13.10 -0.98 4.19
N THR B 242 14.06 -0.68 3.32
CA THR B 242 14.60 0.67 3.11
C THR B 242 15.17 0.75 1.68
N GLY B 243 15.31 1.95 1.15
CA GLY B 243 15.91 2.16 -0.17
C GLY B 243 15.04 3.01 -1.06
N HIS B 244 15.08 2.75 -2.36
CA HIS B 244 14.34 3.57 -3.28
C HIS B 244 12.82 3.26 -3.18
N GLY B 245 12.05 4.18 -2.60
CA GLY B 245 10.66 3.86 -2.16
C GLY B 245 9.70 3.46 -3.28
N GLU B 246 9.81 4.13 -4.41
CA GLU B 246 8.93 3.88 -5.55
C GLU B 246 9.16 2.47 -6.06
N SER B 247 10.43 2.06 -6.09
CA SER B 247 10.76 0.66 -6.46
C SER B 247 10.24 -0.36 -5.52
N ILE B 248 10.35 -0.05 -4.22
CA ILE B 248 9.93 -0.96 -3.17
C ILE B 248 8.41 -1.12 -3.25
N LEU B 249 7.71 -0.02 -3.44
CA LEU B 249 6.26 -0.05 -3.69
C LEU B 249 5.87 -0.91 -4.94
N LYS B 250 6.53 -0.68 -6.07
CA LYS B 250 6.18 -1.40 -7.31
C LYS B 250 6.34 -2.93 -7.23
N VAL B 251 7.34 -3.42 -6.48
CA VAL B 251 7.52 -4.87 -6.30
C VAL B 251 6.94 -5.41 -4.98
N ASN B 252 6.32 -4.55 -4.15
CA ASN B 252 5.88 -4.90 -2.79
C ASN B 252 6.99 -5.71 -2.07
N LEU B 253 8.14 -5.09 -1.84
CA LEU B 253 9.39 -5.84 -1.51
C LEU B 253 9.27 -6.74 -0.28
N ALA B 254 8.60 -6.20 0.75
CA ALA B 254 8.49 -6.88 2.03
C ALA B 254 7.67 -8.15 1.94
N ARG B 255 6.51 -8.11 1.30
CA ARG B 255 5.70 -9.32 1.16
C ARG B 255 6.40 -10.33 0.20
N LEU B 256 7.12 -9.81 -0.78
CA LEU B 256 7.88 -10.60 -1.79
C LEU B 256 8.96 -11.43 -1.10
N ALA B 257 9.74 -10.82 -0.20
CA ALA B 257 10.73 -11.57 0.61
C ALA B 257 10.07 -12.73 1.31
N LEU B 258 8.91 -12.49 1.92
CA LEU B 258 8.20 -13.54 2.61
C LEU B 258 7.57 -14.59 1.69
N PHE B 259 7.12 -14.17 0.49
CA PHE B 259 6.64 -15.12 -0.49
CA PHE B 259 6.65 -15.12 -0.52
C PHE B 259 7.73 -16.16 -0.80
N HIS B 260 8.96 -15.69 -0.95
CA HIS B 260 10.09 -16.60 -1.24
C HIS B 260 10.36 -17.50 -0.04
N LEU B 261 10.18 -16.96 1.17
CA LEU B 261 10.45 -17.72 2.38
C LEU B 261 9.41 -18.79 2.58
N GLU B 262 8.19 -18.55 2.16
CA GLU B 262 7.11 -19.46 2.58
C GLU B 262 6.92 -20.69 1.69
N GLN B 263 7.42 -20.64 0.46
CA GLN B 263 7.45 -21.81 -0.40
C GLN B 263 8.78 -22.49 -0.07
N GLY B 264 8.71 -23.28 1.01
CA GLY B 264 9.85 -23.61 1.85
C GLY B 264 11.13 -24.09 1.20
N GLY B 265 12.02 -24.62 2.03
CA GLY B 265 13.31 -25.07 1.57
C GLY B 265 14.19 -23.93 1.11
N LYS B 266 13.96 -22.74 1.69
CA LYS B 266 14.76 -21.55 1.41
C LYS B 266 15.15 -20.91 2.74
N THR B 267 16.37 -20.39 2.84
CA THR B 267 16.81 -19.69 4.05
C THR B 267 16.46 -18.22 3.95
N VAL B 268 16.55 -17.53 5.09
CA VAL B 268 16.11 -16.15 5.16
C VAL B 268 17.03 -15.31 4.28
N ASP B 269 18.30 -15.69 4.23
CA ASP B 269 19.31 -15.08 3.37
C ASP B 269 18.96 -15.17 1.90
N GLU B 270 18.42 -16.32 1.50
CA GLU B 270 18.12 -16.61 0.08
C GLU B 270 16.89 -15.81 -0.36
N ALA B 271 15.89 -15.82 0.51
CA ALA B 271 14.66 -15.06 0.31
C ALA B 271 14.97 -13.59 0.16
N ALA B 272 15.85 -13.07 1.01
CA ALA B 272 16.21 -11.65 0.92
C ALA B 272 16.92 -11.29 -0.37
N ASP B 273 17.88 -12.12 -0.78
CA ASP B 273 18.60 -11.92 -2.02
C ASP B 273 17.70 -12.01 -3.23
N LEU B 274 16.73 -12.92 -3.22
CA LEU B 274 15.79 -13.03 -4.33
C LEU B 274 14.91 -11.81 -4.45
N ALA B 275 14.35 -11.39 -3.31
CA ALA B 275 13.43 -10.27 -3.29
C ALA B 275 14.18 -9.05 -3.74
N LEU B 276 15.29 -8.78 -3.07
CA LEU B 276 16.20 -7.70 -3.45
C LEU B 276 16.79 -7.83 -4.88
N GLY B 277 17.13 -9.04 -5.31
CA GLY B 277 17.66 -9.25 -6.67
C GLY B 277 16.63 -8.92 -7.75
N TYR B 278 15.37 -9.29 -7.52
CA TYR B 278 14.28 -8.93 -8.46
C TYR B 278 14.15 -7.39 -8.57
N MET B 279 14.17 -6.68 -7.45
CA MET B 279 14.04 -5.22 -7.53
C MET B 279 15.17 -4.56 -8.33
N LYS B 280 16.39 -5.06 -8.13
CA LYS B 280 17.57 -4.50 -8.82
C LYS B 280 17.49 -4.79 -10.30
N SER B 281 17.20 -6.03 -10.64
CA SER B 281 17.21 -6.45 -12.05
C SER B 281 16.01 -5.89 -12.85
N ARG B 282 14.80 -5.94 -12.26
CA ARG B 282 13.59 -5.45 -12.95
C ARG B 282 13.52 -3.93 -13.08
N LEU B 283 13.94 -3.22 -12.05
CA LEU B 283 13.77 -1.79 -12.00
C LEU B 283 15.03 -0.98 -11.75
N LYS B 284 16.17 -1.64 -11.55
CA LYS B 284 17.44 -0.99 -11.11
C LYS B 284 17.28 -0.25 -9.78
N GLY B 285 16.44 -0.81 -8.91
CA GLY B 285 16.16 -0.23 -7.62
C GLY B 285 17.01 -0.91 -6.57
N LEU B 286 17.66 -0.09 -5.76
CA LEU B 286 18.54 -0.53 -4.69
C LEU B 286 17.92 -0.22 -3.34
N GLY B 287 18.23 -1.08 -2.36
CA GLY B 287 17.89 -0.82 -0.97
C GLY B 287 18.30 -1.96 -0.10
N GLY B 288 17.51 -2.23 0.92
CA GLY B 288 17.81 -3.31 1.82
C GLY B 288 16.63 -3.68 2.67
N LEU B 289 16.81 -4.77 3.39
CA LEU B 289 15.79 -5.25 4.27
C LEU B 289 16.35 -6.05 5.42
N ILE B 290 15.55 -6.17 6.47
CA ILE B 290 15.82 -7.05 7.59
C ILE B 290 14.63 -7.98 7.67
N LEU B 291 14.92 -9.20 8.08
CA LEU B 291 13.94 -10.28 8.08
C LEU B 291 14.22 -11.23 9.21
N VAL B 292 13.14 -11.70 9.84
CA VAL B 292 13.19 -12.72 10.84
C VAL B 292 12.02 -13.67 10.59
N SER B 293 12.32 -14.98 10.56
CA SER B 293 11.28 -15.98 10.36
C SER B 293 10.59 -16.28 11.64
N ARG B 294 9.46 -16.97 11.52
CA ARG B 294 8.75 -17.44 12.67
C ARG B 294 9.53 -18.43 13.56
N THR B 295 10.68 -18.93 13.09
CA THR B 295 11.50 -19.84 13.92
C THR B 295 12.74 -19.17 14.51
N GLY B 296 13.01 -17.91 14.18
CA GLY B 296 14.09 -17.17 14.83
C GLY B 296 15.32 -16.89 13.99
N GLU B 297 15.35 -17.39 12.77
CA GLU B 297 16.46 -17.09 11.86
C GLU B 297 16.24 -15.68 11.37
N TRP B 298 17.32 -14.95 11.21
CA TRP B 298 17.24 -13.56 10.84
C TRP B 298 18.39 -13.18 9.93
N VAL B 299 18.21 -12.08 9.19
CA VAL B 299 19.22 -11.59 8.30
C VAL B 299 19.06 -10.12 8.06
N ALA B 300 20.17 -9.41 7.84
CA ALA B 300 20.17 -8.08 7.24
C ALA B 300 20.87 -8.12 5.87
N LYS B 301 20.15 -7.78 4.79
CA LYS B 301 20.69 -7.77 3.41
C LYS B 301 20.43 -6.43 2.69
N TRP B 302 21.36 -6.03 1.84
CA TRP B 302 21.20 -4.85 1.05
C TRP B 302 21.93 -4.89 -0.29
N THR B 303 21.47 -4.08 -1.24
CA THR B 303 22.14 -3.94 -2.53
C THR B 303 22.59 -2.52 -2.70
N SER B 304 22.25 -1.65 -1.75
CA SER B 304 22.81 -0.31 -1.80
C SER B 304 24.28 -0.39 -1.32
N THR B 305 25.00 0.72 -1.30
CA THR B 305 26.39 0.67 -0.84
C THR B 305 26.54 0.31 0.64
N SER B 306 25.64 0.80 1.50
CA SER B 306 25.63 0.43 2.91
C SER B 306 24.20 0.38 3.51
N MET B 307 24.05 -0.24 4.69
CA MET B 307 22.80 -0.14 5.49
C MET B 307 23.05 -0.40 6.97
N PRO B 308 23.10 0.65 7.79
CA PRO B 308 23.24 0.42 9.23
C PRO B 308 22.20 -0.56 9.76
N TRP B 309 22.62 -1.52 10.57
CA TRP B 309 21.75 -2.55 11.11
C TRP B 309 22.28 -3.06 12.45
N ALA B 310 21.40 -3.62 13.26
CA ALA B 310 21.83 -4.35 14.45
C ALA B 310 20.82 -5.39 14.80
N ALA B 311 21.30 -6.41 15.50
CA ALA B 311 20.45 -7.47 15.94
C ALA B 311 20.95 -7.92 17.29
N VAL B 312 20.02 -8.45 18.09
CA VAL B 312 20.29 -8.91 19.42
C VAL B 312 19.57 -10.25 19.50
N LYS B 313 20.31 -11.29 19.89
CA LYS B 313 19.75 -12.61 20.11
C LYS B 313 20.72 -13.32 21.06
N GLY B 314 20.18 -14.19 21.90
CA GLY B 314 20.95 -14.97 22.87
C GLY B 314 22.22 -14.32 23.40
N GLY B 315 22.06 -13.25 24.15
CA GLY B 315 23.18 -12.64 24.84
C GLY B 315 24.16 -11.91 23.95
N LYS B 316 23.90 -11.85 22.64
CA LYS B 316 24.87 -11.28 21.67
C LYS B 316 24.28 -10.10 20.88
N VAL B 317 25.09 -9.08 20.63
CA VAL B 317 24.72 -7.95 19.79
C VAL B 317 25.59 -7.97 18.53
N HIS B 318 24.94 -8.06 17.36
CA HIS B 318 25.59 -8.01 16.06
C HIS B 318 25.30 -6.68 15.39
N ALA B 319 26.29 -6.08 14.74
CA ALA B 319 26.06 -4.79 14.09
C ALA B 319 27.00 -4.54 12.92
N GLY B 320 26.58 -3.65 12.03
CA GLY B 320 27.29 -3.37 10.79
C GLY B 320 26.75 -2.16 10.03
N ILE B 321 27.53 -1.72 9.04
CA ILE B 321 27.16 -0.70 8.07
C ILE B 321 27.48 -1.16 6.63
N ASP B 322 28.68 -1.72 6.41
CA ASP B 322 29.17 -2.20 5.10
C ASP B 322 29.25 -3.71 5.11
N LEU B 323 29.62 -4.31 3.97
CA LEU B 323 29.85 -5.77 3.91
C LEU B 323 31.00 -6.19 4.83
N ASN B 324 31.94 -5.27 5.06
CA ASN B 324 33.10 -5.55 5.90
C ASN B 324 32.78 -5.53 7.39
N ASP B 325 32.51 -4.32 7.90
CA ASP B 325 32.67 -3.95 9.33
C ASP B 325 31.75 -4.58 10.38
N THR B 326 31.31 -5.82 10.17
CA THR B 326 30.44 -6.51 11.11
C THR B 326 31.13 -6.79 12.44
N THR B 327 30.48 -6.46 13.57
CA THR B 327 31.00 -6.81 14.90
C THR B 327 29.99 -7.63 15.68
N VAL B 328 30.49 -8.56 16.49
CA VAL B 328 29.67 -9.30 17.43
C VAL B 328 30.31 -9.11 18.80
N THR B 329 29.49 -8.74 19.78
CA THR B 329 29.92 -8.59 21.16
C THR B 329 28.85 -9.16 22.08
N ASP B 330 29.21 -9.41 23.34
CA ASP B 330 28.25 -9.93 24.31
C ASP B 330 27.37 -8.80 24.83
N LEU B 331 26.14 -9.15 25.20
CA LEU B 331 25.23 -8.20 25.83
C LEU B 331 25.61 -8.14 27.31
N CYS B 332 25.59 -6.94 27.88
CA CYS B 332 25.98 -6.73 29.28
C CYS B 332 24.77 -6.38 30.16
NA NA C . -19.36 7.82 -9.54
NA NA D . 15.71 10.41 13.84
#